data_4ZTR
#
_entry.id   4ZTR
#
_cell.length_a   83.270
_cell.length_b   83.270
_cell.length_c   170.997
_cell.angle_alpha   90.00
_cell.angle_beta   90.00
_cell.angle_gamma   120.00
#
_symmetry.space_group_name_H-M   'P 61 2 2'
#
loop_
_entity.id
_entity.type
_entity.pdbx_description
1 polymer 'Aurora kinase A'
2 non-polymer '6-({4-[(Z)-{(2Z)-2-[(4-ethylphenyl)imino]-3-methyl-4-oxo-1,3-thiazolidin-5-ylidene}methyl]pyridin-2-yl}amino)pyridine-3-carboxylic acid'
3 water water
#
_entity_poly.entity_id   1
_entity_poly.type   'polypeptide(L)'
_entity_poly.pdbx_seq_one_letter_code
;GAMESKKRQWALEDFEIGRPLGKGKFGNVYLAREKQSKFILALKVLFKAQLEKAGVEHQLRREVEIQSHLRHPNILRLYG
YFHDATRVYLILEYAPLGTVYRELQKLSKFDEQRTATYITELANALSYCHSKRVIHRDIKPENLLLGSAGELKIADFGWS
VHAPSSRRTTLCGTLDYLPPEMIEGRMHDEKVDLWSLGVLCYEFLVGKPPFEANTYQETYKRISRVEFTFPDFVTEGARD
LISRLLKHNPSQRPMLREVLEHPWITANSSKPSNCQNKESASKQS
;
_entity_poly.pdbx_strand_id   A
#
loop_
_chem_comp.id
_chem_comp.type
_chem_comp.name
_chem_comp.formula
4RJ non-polymer '6-({4-[(Z)-{(2Z)-2-[(4-ethylphenyl)imino]-3-methyl-4-oxo-1,3-thiazolidin-5-ylidene}methyl]pyridin-2-yl}amino)pyridine-3-carboxylic acid' 'C24 H21 N5 O3 S'
#
# COMPACT_ATOMS: atom_id res chain seq x y z
N GLN A 9 25.60 -9.95 4.54
CA GLN A 9 26.49 -10.22 3.35
C GLN A 9 27.01 -8.91 2.76
N TRP A 10 26.12 -7.95 2.56
CA TRP A 10 26.45 -6.66 1.99
C TRP A 10 27.09 -5.71 3.01
N ALA A 11 27.61 -4.59 2.50
CA ALA A 11 28.12 -3.52 3.33
C ALA A 11 27.82 -2.17 2.66
N LEU A 12 27.92 -1.09 3.43
CA LEU A 12 27.68 0.26 2.90
C LEU A 12 28.68 0.61 1.81
N GLU A 13 29.94 0.20 2.00
CA GLU A 13 31.01 0.40 1.01
C GLU A 13 30.71 -0.21 -0.36
N ASP A 14 29.72 -1.11 -0.44
CA ASP A 14 29.32 -1.70 -1.72
C ASP A 14 28.46 -0.77 -2.58
N PHE A 15 27.87 0.26 -1.98
CA PHE A 15 26.89 1.10 -2.67
C PHE A 15 27.27 2.57 -2.76
N GLU A 16 26.95 3.18 -3.91
CA GLU A 16 26.99 4.62 -4.09
C GLU A 16 25.58 5.20 -3.89
N ILE A 17 25.45 6.12 -2.93
CA ILE A 17 24.15 6.68 -2.54
C ILE A 17 23.82 7.88 -3.43
N GLY A 18 22.55 8.00 -3.79
CA GLY A 18 22.09 9.05 -4.70
C GLY A 18 21.08 9.97 -4.06
N ARG A 19 20.09 10.38 -4.83
CA ARG A 19 19.12 11.37 -4.34
C ARG A 19 18.08 10.72 -3.43
N PRO A 20 17.46 11.51 -2.55
CA PRO A 20 16.42 10.96 -1.69
C PRO A 20 15.18 10.63 -2.49
N LEU A 21 14.48 9.56 -2.10
CA LEU A 21 13.25 9.14 -2.75
C LEU A 21 12.04 9.28 -1.84
N GLY A 22 12.24 9.13 -0.53
CA GLY A 22 11.16 9.36 0.42
C GLY A 22 11.56 9.23 1.87
N LYS A 23 10.65 9.63 2.75
CA LYS A 23 10.84 9.51 4.19
C LYS A 23 9.63 8.78 4.78
N GLY A 24 9.89 7.74 5.55
CA GLY A 24 8.84 7.03 6.28
C GLY A 24 9.04 7.17 7.77
N LYS A 25 8.07 6.68 8.54
CA LYS A 25 8.15 6.69 10.00
C LYS A 25 9.52 6.23 10.50
N PHE A 26 10.06 5.20 9.87
CA PHE A 26 11.23 4.51 10.38
C PHE A 26 12.56 4.93 9.74
N GLY A 27 12.52 5.54 8.56
CA GLY A 27 13.75 6.05 7.95
C GLY A 27 13.61 6.59 6.55
N ASN A 28 14.73 7.11 6.03
CA ASN A 28 14.77 7.68 4.70
C ASN A 28 15.23 6.66 3.67
N VAL A 29 14.70 6.81 2.45
CA VAL A 29 15.07 5.97 1.35
C VAL A 29 15.77 6.81 0.29
N TYR A 30 16.93 6.33 -0.14
CA TYR A 30 17.72 7.00 -1.15
C TYR A 30 17.85 6.13 -2.39
N LEU A 31 18.02 6.76 -3.54
CA LEU A 31 18.40 6.04 -4.76
C LEU A 31 19.82 5.57 -4.56
N ALA A 32 20.15 4.37 -5.02
CA ALA A 32 21.49 3.83 -4.80
C ALA A 32 21.95 2.93 -5.94
N ARG A 33 23.26 2.83 -6.12
CA ARG A 33 23.83 1.92 -7.10
C ARG A 33 24.92 1.05 -6.48
N GLU A 34 24.84 -0.25 -6.75
CA GLU A 34 25.85 -1.22 -6.34
C GLU A 34 26.99 -1.17 -7.34
N LYS A 35 28.22 -1.13 -6.85
CA LYS A 35 29.38 -0.81 -7.67
C LYS A 35 29.75 -1.91 -8.67
N GLN A 36 29.84 -3.15 -8.20
CA GLN A 36 30.27 -4.28 -9.04
C GLN A 36 29.38 -4.44 -10.27
N SER A 37 28.07 -4.36 -10.06
CA SER A 37 27.10 -4.64 -11.11
C SER A 37 26.48 -3.39 -11.72
N LYS A 38 26.66 -2.25 -11.05
CA LYS A 38 26.04 -0.99 -11.45
C LYS A 38 24.52 -1.07 -11.35
N PHE A 39 24.02 -1.93 -10.46
CA PHE A 39 22.58 -2.17 -10.31
C PHE A 39 21.92 -0.99 -9.61
N ILE A 40 20.88 -0.42 -10.23
CA ILE A 40 20.12 0.66 -9.61
C ILE A 40 19.04 0.07 -8.70
N LEU A 41 18.98 0.58 -7.49
CA LEU A 41 18.01 0.14 -6.51
C LEU A 41 17.73 1.27 -5.53
N ALA A 42 16.85 1.00 -4.57
CA ALA A 42 16.61 1.93 -3.48
C ALA A 42 17.26 1.35 -2.23
N LEU A 43 17.79 2.24 -1.39
CA LEU A 43 18.42 1.85 -0.14
C LEU A 43 17.78 2.64 0.99
N LYS A 44 17.35 1.95 2.04
CA LYS A 44 16.74 2.62 3.19
C LYS A 44 17.71 2.65 4.35
N VAL A 45 17.69 3.74 5.13
CA VAL A 45 18.56 3.88 6.29
C VAL A 45 17.74 4.03 7.56
N LEU A 46 17.80 3.01 8.41
CA LEU A 46 17.15 2.99 9.70
C LEU A 46 18.21 3.08 10.79
N PHE A 47 18.09 4.06 11.67
CA PHE A 47 18.98 4.19 12.82
C PHE A 47 18.48 3.28 13.93
N LYS A 48 19.27 2.26 14.28
CA LYS A 48 18.85 1.28 15.28
C LYS A 48 18.58 1.90 16.65
N ALA A 49 19.15 3.07 16.91
CA ALA A 49 18.82 3.85 18.11
C ALA A 49 17.36 4.31 18.06
N GLN A 50 16.97 4.93 16.95
CA GLN A 50 15.58 5.38 16.73
C GLN A 50 14.57 4.21 16.79
N LEU A 51 15.03 3.03 16.38
CA LEU A 51 14.20 1.82 16.43
C LEU A 51 13.96 1.33 17.85
N GLU A 52 14.98 1.44 18.71
CA GLU A 52 14.89 0.93 20.09
C GLU A 52 14.41 1.97 21.10
N LYS A 53 14.25 3.23 20.66
CA LYS A 53 13.62 4.25 21.50
C LYS A 53 12.12 4.35 21.21
N ALA A 54 11.67 3.63 20.17
CA ALA A 54 10.25 3.43 19.92
C ALA A 54 9.84 1.99 20.24
N GLY A 55 10.82 1.13 20.56
CA GLY A 55 10.56 -0.27 20.84
C GLY A 55 10.01 -1.04 19.65
N VAL A 56 10.48 -0.70 18.45
CA VAL A 56 9.98 -1.32 17.22
C VAL A 56 10.96 -2.33 16.63
N GLU A 57 12.13 -2.47 17.23
CA GLU A 57 13.10 -3.47 16.80
C GLU A 57 12.51 -4.86 16.98
N HIS A 58 12.81 -5.75 16.03
CA HIS A 58 12.42 -7.18 16.10
C HIS A 58 10.94 -7.42 15.82
N GLN A 59 10.10 -6.45 16.16
CA GLN A 59 8.73 -6.45 15.67
C GLN A 59 8.76 -6.37 14.15
N LEU A 60 9.61 -5.49 13.63
CA LEU A 60 9.74 -5.33 12.18
C LEU A 60 10.61 -6.41 11.52
N ARG A 61 11.68 -6.85 12.19
CA ARG A 61 12.60 -7.83 11.62
C ARG A 61 11.90 -9.13 11.22
N ARG A 62 10.79 -9.44 11.89
CA ARG A 62 9.90 -10.52 11.45
C ARG A 62 9.40 -10.23 10.04
N GLU A 63 8.85 -9.04 9.84
CA GLU A 63 8.34 -8.62 8.52
C GLU A 63 9.46 -8.53 7.48
N VAL A 64 10.67 -8.19 7.91
CA VAL A 64 11.82 -8.12 7.01
C VAL A 64 12.16 -9.50 6.46
N GLU A 65 12.19 -10.50 7.34
CA GLU A 65 12.42 -11.88 6.93
C GLU A 65 11.13 -12.58 6.44
N ILE A 66 10.12 -11.78 6.13
CA ILE A 66 8.87 -12.27 5.51
C ILE A 66 8.79 -11.65 4.12
N GLN A 67 8.84 -10.31 4.07
CA GLN A 67 8.95 -9.57 2.82
C GLN A 67 9.96 -10.19 1.88
N SER A 68 11.10 -10.60 2.43
CA SER A 68 12.16 -11.25 1.66
C SER A 68 11.64 -12.38 0.77
N HIS A 69 10.67 -13.15 1.29
CA HIS A 69 10.08 -14.26 0.56
C HIS A 69 8.79 -13.91 -0.19
N LEU A 70 8.55 -12.64 -0.45
CA LEU A 70 7.37 -12.22 -1.20
C LEU A 70 7.76 -11.68 -2.57
N ARG A 71 7.77 -12.57 -3.56
CA ARG A 71 8.03 -12.20 -4.95
C ARG A 71 6.71 -12.11 -5.71
N HIS A 72 6.34 -10.89 -6.09
CA HIS A 72 5.17 -10.65 -6.92
C HIS A 72 5.41 -9.33 -7.63
N PRO A 73 5.02 -9.23 -8.91
CA PRO A 73 5.39 -8.03 -9.67
C PRO A 73 4.69 -6.76 -9.20
N ASN A 74 3.60 -6.89 -8.46
CA ASN A 74 2.87 -5.75 -7.91
C ASN A 74 3.15 -5.53 -6.42
N ILE A 75 4.26 -6.09 -5.94
CA ILE A 75 4.77 -5.83 -4.61
C ILE A 75 6.24 -5.43 -4.72
N LEU A 76 6.65 -4.38 -4.02
CA LEU A 76 8.04 -3.94 -4.05
C LEU A 76 8.93 -4.99 -3.40
N ARG A 77 9.99 -5.39 -4.10
CA ARG A 77 10.85 -6.46 -3.59
C ARG A 77 11.88 -5.93 -2.59
N LEU A 78 12.15 -6.73 -1.57
CA LEU A 78 13.23 -6.50 -0.63
C LEU A 78 14.34 -7.48 -0.97
N TYR A 79 15.42 -6.98 -1.54
CA TYR A 79 16.52 -7.83 -2.00
C TYR A 79 17.30 -8.45 -0.84
N GLY A 80 17.63 -7.63 0.14
CA GLY A 80 18.39 -8.05 1.30
C GLY A 80 18.57 -6.92 2.27
N TYR A 81 19.48 -7.10 3.23
CA TYR A 81 19.68 -6.13 4.30
C TYR A 81 21.00 -6.35 5.03
N PHE A 82 21.41 -5.36 5.82
CA PHE A 82 22.63 -5.45 6.63
C PHE A 82 22.67 -4.30 7.63
N HIS A 83 23.59 -4.38 8.59
CA HIS A 83 23.74 -3.33 9.61
C HIS A 83 25.19 -3.00 9.90
N ASP A 84 25.48 -1.71 10.10
CA ASP A 84 26.79 -1.29 10.59
C ASP A 84 26.68 -1.05 12.11
N ALA A 85 27.61 -0.28 12.68
CA ALA A 85 27.64 -0.06 14.13
C ALA A 85 26.37 0.62 14.64
N THR A 86 25.98 1.73 14.01
CA THR A 86 24.90 2.57 14.50
C THR A 86 23.60 2.52 13.67
N ARG A 87 23.60 1.76 12.57
CA ARG A 87 22.50 1.81 11.61
C ARG A 87 22.15 0.44 11.00
N VAL A 88 20.98 0.40 10.35
CA VAL A 88 20.49 -0.78 9.64
C VAL A 88 20.07 -0.35 8.22
N TYR A 89 20.42 -1.17 7.23
CA TYR A 89 20.22 -0.82 5.82
C TYR A 89 19.38 -1.87 5.09
N LEU A 90 18.39 -1.39 4.32
CA LEU A 90 17.53 -2.27 3.53
C LEU A 90 17.75 -2.02 2.04
N ILE A 91 18.04 -3.08 1.32
CA ILE A 91 18.23 -3.03 -0.13
C ILE A 91 16.91 -3.39 -0.79
N LEU A 92 16.29 -2.43 -1.47
CA LEU A 92 14.98 -2.64 -2.07
C LEU A 92 14.90 -2.25 -3.54
N GLU A 93 13.94 -2.88 -4.21
CA GLU A 93 13.59 -2.56 -5.59
C GLU A 93 13.32 -1.08 -5.69
N TYR A 94 13.77 -0.48 -6.78
CA TYR A 94 13.53 0.93 -7.05
C TYR A 94 12.43 1.01 -8.11
N ALA A 95 11.45 1.89 -7.84
CA ALA A 95 10.25 2.06 -8.64
C ALA A 95 10.38 3.38 -9.40
N PRO A 96 10.73 3.31 -10.70
CA PRO A 96 11.08 4.50 -11.47
C PRO A 96 10.08 5.66 -11.46
N LEU A 97 8.78 5.38 -11.53
CA LEU A 97 7.79 6.44 -11.77
C LEU A 97 7.13 7.02 -10.52
N GLY A 98 7.69 6.70 -9.36
CA GLY A 98 7.30 7.36 -8.11
C GLY A 98 5.98 6.87 -7.55
N THR A 99 5.47 7.58 -6.55
CA THR A 99 4.25 7.18 -5.84
C THR A 99 2.99 7.47 -6.63
N VAL A 100 1.93 6.75 -6.28
CA VAL A 100 0.60 6.96 -6.87
C VAL A 100 0.00 8.25 -6.29
N TYR A 101 0.42 8.62 -5.08
CA TYR A 101 -0.02 9.85 -4.44
C TYR A 101 0.38 11.06 -5.29
N ARG A 102 1.69 11.22 -5.50
CA ARG A 102 2.22 12.29 -6.33
C ARG A 102 1.44 12.39 -7.66
N GLU A 103 1.08 11.24 -8.20
CA GLU A 103 0.36 11.14 -9.46
C GLU A 103 -1.10 11.55 -9.30
N LEU A 104 -1.71 11.09 -8.23
CA LEU A 104 -3.10 11.44 -7.92
C LEU A 104 -3.26 12.92 -7.63
N GLN A 105 -2.22 13.54 -7.06
CA GLN A 105 -2.25 14.97 -6.77
C GLN A 105 -2.19 15.82 -8.03
N LYS A 106 -1.27 15.46 -8.95
CA LYS A 106 -1.15 16.17 -10.24
C LYS A 106 -2.47 16.17 -11.00
N LEU A 107 -3.09 15.00 -11.13
CA LEU A 107 -4.31 14.81 -11.90
C LEU A 107 -5.60 15.06 -11.12
N SER A 108 -5.51 15.06 -9.79
CA SER A 108 -6.67 15.25 -8.88
C SER A 108 -7.45 13.96 -8.65
N LYS A 109 -7.86 13.34 -9.75
CA LYS A 109 -8.50 12.03 -9.72
C LYS A 109 -8.16 11.28 -10.99
N PHE A 110 -8.26 9.95 -10.94
CA PHE A 110 -7.94 9.09 -12.07
C PHE A 110 -9.21 8.71 -12.82
N ASP A 111 -9.08 8.47 -14.14
CA ASP A 111 -10.21 7.97 -14.92
C ASP A 111 -10.47 6.50 -14.57
N GLU A 112 -11.50 5.89 -15.18
CA GLU A 112 -11.94 4.55 -14.80
C GLU A 112 -11.03 3.44 -15.30
N GLN A 113 -10.27 3.71 -16.36
CA GLN A 113 -9.37 2.71 -16.95
C GLN A 113 -8.16 2.54 -16.04
N ARG A 114 -7.53 3.67 -15.73
CA ARG A 114 -6.42 3.71 -14.80
C ARG A 114 -6.81 3.15 -13.44
N THR A 115 -8.02 3.48 -12.99
CA THR A 115 -8.48 3.09 -11.66
C THR A 115 -8.71 1.57 -11.60
N ALA A 116 -9.54 1.07 -12.50
CA ALA A 116 -9.81 -0.36 -12.61
C ALA A 116 -8.52 -1.16 -12.81
N THR A 117 -7.57 -0.60 -13.55
CA THR A 117 -6.30 -1.27 -13.77
C THR A 117 -5.51 -1.40 -12.46
N TYR A 118 -5.43 -0.31 -11.69
CA TYR A 118 -4.78 -0.34 -10.38
C TYR A 118 -5.50 -1.30 -9.43
N ILE A 119 -6.83 -1.35 -9.49
CA ILE A 119 -7.59 -2.24 -8.62
C ILE A 119 -7.31 -3.70 -8.95
N THR A 120 -7.25 -4.03 -10.24
CA THR A 120 -6.83 -5.36 -10.68
C THR A 120 -5.45 -5.70 -10.15
N GLU A 121 -4.50 -4.78 -10.37
CA GLU A 121 -3.13 -4.97 -9.93
C GLU A 121 -3.10 -5.19 -8.40
N LEU A 122 -3.75 -4.30 -7.66
CA LEU A 122 -3.88 -4.42 -6.20
C LEU A 122 -4.47 -5.77 -5.79
N ALA A 123 -5.58 -6.14 -6.42
CA ALA A 123 -6.27 -7.38 -6.10
C ALA A 123 -5.35 -8.59 -6.20
N ASN A 124 -4.67 -8.71 -7.34
CA ASN A 124 -3.73 -9.80 -7.56
C ASN A 124 -2.65 -9.83 -6.50
N ALA A 125 -2.15 -8.66 -6.13
CA ALA A 125 -1.11 -8.55 -5.10
C ALA A 125 -1.66 -9.01 -3.76
N LEU A 126 -2.88 -8.61 -3.45
CA LEU A 126 -3.51 -8.99 -2.20
C LEU A 126 -3.87 -10.48 -2.18
N SER A 127 -4.44 -10.97 -3.27
CA SER A 127 -4.75 -12.40 -3.41
C SER A 127 -3.51 -13.25 -3.24
N TYR A 128 -2.37 -12.74 -3.72
CA TYR A 128 -1.08 -13.40 -3.50
C TYR A 128 -0.68 -13.40 -2.03
N CYS A 129 -0.68 -12.23 -1.41
CA CYS A 129 -0.41 -12.09 0.02
C CYS A 129 -1.26 -13.07 0.83
N HIS A 130 -2.57 -13.10 0.56
CA HIS A 130 -3.50 -13.97 1.29
C HIS A 130 -3.18 -15.45 1.13
N SER A 131 -2.70 -15.85 -0.05
CA SER A 131 -2.25 -17.23 -0.27
C SER A 131 -1.00 -17.52 0.57
N LYS A 132 -0.11 -16.53 0.70
CA LYS A 132 1.05 -16.64 1.58
C LYS A 132 0.73 -16.24 3.04
N ARG A 133 -0.57 -16.19 3.37
CA ARG A 133 -1.06 -15.91 4.73
C ARG A 133 -0.68 -14.52 5.28
N VAL A 134 -0.48 -13.55 4.40
CA VAL A 134 -0.16 -12.18 4.81
C VAL A 134 -1.42 -11.31 4.73
N ILE A 135 -1.77 -10.70 5.86
CA ILE A 135 -3.05 -10.01 6.00
C ILE A 135 -2.86 -8.54 6.39
N HIS A 136 -3.71 -7.70 5.78
CA HIS A 136 -3.78 -6.26 6.06
C HIS A 136 -2.50 -5.51 5.75
N ARG A 137 -2.38 -5.07 4.51
CA ARG A 137 -1.29 -4.20 4.10
C ARG A 137 -1.83 -2.78 3.94
N ASP A 138 -1.02 -1.80 4.33
CA ASP A 138 -1.41 -0.40 4.31
C ASP A 138 -1.22 0.17 2.90
N ILE A 139 -2.32 0.26 2.15
CA ILE A 139 -2.24 0.56 0.72
C ILE A 139 -2.70 1.98 0.36
N LYS A 140 -2.49 2.93 1.27
CA LYS A 140 -2.65 4.35 0.95
C LYS A 140 -1.86 4.63 -0.32
N PRO A 141 -2.34 5.56 -1.17
CA PRO A 141 -1.56 5.92 -2.37
C PRO A 141 -0.12 6.34 -2.07
N GLU A 142 0.13 6.85 -0.87
CA GLU A 142 1.45 7.25 -0.44
C GLU A 142 2.38 6.04 -0.34
N ASN A 143 1.77 4.86 -0.15
CA ASN A 143 2.50 3.60 -0.07
C ASN A 143 2.42 2.75 -1.34
N LEU A 144 1.94 3.34 -2.43
CA LEU A 144 1.88 2.65 -3.70
C LEU A 144 2.83 3.31 -4.67
N LEU A 145 3.73 2.51 -5.23
CA LEU A 145 4.72 3.02 -6.17
C LEU A 145 4.42 2.50 -7.56
N LEU A 146 5.08 3.09 -8.55
CA LEU A 146 4.83 2.81 -9.96
C LEU A 146 6.10 2.31 -10.63
N GLY A 147 6.07 1.10 -11.14
CA GLY A 147 7.20 0.56 -11.88
C GLY A 147 7.40 1.26 -13.21
N SER A 148 8.42 0.82 -13.94
CA SER A 148 8.83 1.47 -15.19
C SER A 148 7.72 1.59 -16.24
N ALA A 149 6.80 0.62 -16.25
CA ALA A 149 5.70 0.63 -17.21
C ALA A 149 4.40 1.06 -16.56
N GLY A 150 4.50 1.92 -15.54
CA GLY A 150 3.32 2.42 -14.84
C GLY A 150 2.59 1.41 -13.98
N GLU A 151 3.20 0.24 -13.76
CA GLU A 151 2.54 -0.82 -13.01
C GLU A 151 2.63 -0.55 -11.51
N LEU A 152 1.49 -0.71 -10.84
CA LEU A 152 1.39 -0.50 -9.41
C LEU A 152 2.30 -1.44 -8.61
N LYS A 153 2.90 -0.92 -7.54
CA LYS A 153 3.75 -1.69 -6.64
C LYS A 153 3.40 -1.38 -5.20
N ILE A 154 2.81 -2.35 -4.49
CA ILE A 154 2.52 -2.17 -3.06
C ILE A 154 3.82 -2.09 -2.27
N ALA A 155 3.97 -1.03 -1.48
CA ALA A 155 5.24 -0.72 -0.80
C ALA A 155 5.08 -0.09 0.58
N ASP A 156 4.54 -0.85 1.53
CA ASP A 156 4.38 -0.38 2.91
C ASP A 156 5.25 -1.16 3.92
N PHE A 157 5.21 -0.75 5.18
CA PHE A 157 6.10 -1.32 6.20
C PHE A 157 5.40 -1.64 7.55
N GLY A 158 4.09 -1.93 7.51
CA GLY A 158 3.30 -2.13 8.72
C GLY A 158 2.97 -3.59 9.01
N TRP A 159 2.98 -3.94 10.29
CA TRP A 159 2.64 -5.30 10.77
C TRP A 159 2.33 -5.28 12.27
N GLY A 173 -1.62 5.71 13.24
CA GLY A 173 -1.89 7.09 12.82
C GLY A 173 -3.30 7.27 12.24
N THR A 174 -3.38 7.28 10.91
CA THR A 174 -4.63 7.60 10.21
C THR A 174 -5.58 6.41 10.10
N LEU A 175 -6.87 6.69 10.33
CA LEU A 175 -7.93 5.69 10.26
C LEU A 175 -8.50 5.51 8.85
N ASP A 176 -8.21 6.43 7.95
CA ASP A 176 -8.90 6.52 6.66
C ASP A 176 -9.05 5.21 5.88
N TYR A 177 -8.10 4.28 6.04
CA TYR A 177 -8.12 3.03 5.28
C TYR A 177 -8.52 1.80 6.10
N LEU A 178 -8.72 1.98 7.41
CA LEU A 178 -9.04 0.88 8.30
C LEU A 178 -10.53 0.62 8.31
N PRO A 179 -10.93 -0.67 8.30
CA PRO A 179 -12.33 -1.02 8.40
C PRO A 179 -12.83 -0.99 9.86
N PRO A 180 -14.16 -0.97 10.06
CA PRO A 180 -14.77 -0.93 11.38
C PRO A 180 -14.17 -1.89 12.40
N GLU A 181 -13.98 -3.14 12.00
CA GLU A 181 -13.44 -4.16 12.90
C GLU A 181 -12.09 -3.80 13.52
N MET A 182 -11.18 -3.23 12.74
CA MET A 182 -9.87 -2.86 13.26
C MET A 182 -9.91 -1.64 14.17
N ILE A 183 -10.80 -0.70 13.87
CA ILE A 183 -10.93 0.51 14.70
C ILE A 183 -11.79 0.25 15.94
N GLU A 184 -12.74 -0.69 15.85
CA GLU A 184 -13.62 -1.04 16.97
C GLU A 184 -13.07 -2.16 17.86
N GLY A 185 -11.81 -2.53 17.68
CA GLY A 185 -11.13 -3.46 18.58
C GLY A 185 -11.26 -4.95 18.29
N ARG A 186 -12.26 -5.31 17.47
CA ARG A 186 -12.57 -6.72 17.21
C ARG A 186 -11.52 -7.44 16.37
N MET A 187 -11.64 -8.78 16.32
CA MET A 187 -10.79 -9.61 15.49
C MET A 187 -11.14 -9.44 14.00
N HIS A 188 -10.15 -9.67 13.15
CA HIS A 188 -10.30 -9.45 11.72
C HIS A 188 -9.58 -10.53 10.92
N ASP A 189 -9.87 -10.57 9.61
CA ASP A 189 -9.29 -11.55 8.70
C ASP A 189 -8.92 -10.95 7.34
N GLU A 190 -8.66 -11.82 6.37
CA GLU A 190 -8.50 -11.48 4.94
C GLU A 190 -9.34 -10.29 4.46
N LYS A 191 -10.61 -10.26 4.86
CA LYS A 191 -11.57 -9.29 4.30
C LYS A 191 -11.35 -7.82 4.69
N VAL A 192 -10.44 -7.57 5.62
CA VAL A 192 -9.92 -6.23 5.86
C VAL A 192 -9.40 -5.60 4.56
N ASP A 193 -8.62 -6.36 3.82
CA ASP A 193 -7.99 -5.89 2.59
C ASP A 193 -9.00 -5.61 1.47
N LEU A 194 -10.22 -6.13 1.59
CA LEU A 194 -11.27 -5.80 0.64
C LEU A 194 -11.98 -4.48 0.96
N TRP A 195 -12.02 -4.12 2.24
CA TRP A 195 -12.47 -2.77 2.62
C TRP A 195 -11.53 -1.73 2.01
N SER A 196 -10.23 -1.96 2.19
CA SER A 196 -9.20 -1.06 1.69
C SER A 196 -9.31 -0.86 0.19
N LEU A 197 -9.50 -1.95 -0.56
CA LEU A 197 -9.69 -1.85 -2.00
C LEU A 197 -10.85 -0.92 -2.35
N GLY A 198 -11.93 -1.01 -1.57
CA GLY A 198 -13.07 -0.11 -1.71
C GLY A 198 -12.69 1.33 -1.46
N VAL A 199 -12.03 1.58 -0.34
CA VAL A 199 -11.55 2.92 0.02
C VAL A 199 -10.66 3.49 -1.10
N LEU A 200 -9.81 2.65 -1.68
CA LEU A 200 -8.91 3.10 -2.73
C LEU A 200 -9.56 3.23 -4.09
N CYS A 201 -10.54 2.38 -4.37
CA CYS A 201 -11.28 2.49 -5.61
C CYS A 201 -12.00 3.80 -5.59
N TYR A 202 -12.52 4.16 -4.42
CA TYR A 202 -13.21 5.43 -4.23
C TYR A 202 -12.26 6.62 -4.35
N GLU A 203 -11.12 6.52 -3.66
CA GLU A 203 -10.16 7.63 -3.64
C GLU A 203 -9.54 7.87 -5.01
N PHE A 204 -9.33 6.81 -5.79
CA PHE A 204 -8.77 6.96 -7.14
C PHE A 204 -9.71 7.76 -8.04
N LEU A 205 -11.00 7.46 -7.97
CA LEU A 205 -11.98 8.14 -8.82
C LEU A 205 -12.36 9.53 -8.33
N VAL A 206 -12.46 9.70 -7.02
CA VAL A 206 -12.98 10.91 -6.40
C VAL A 206 -11.86 11.90 -6.07
N GLY A 207 -10.70 11.37 -5.68
CA GLY A 207 -9.55 12.19 -5.32
C GLY A 207 -9.35 12.30 -3.82
N LYS A 208 -10.29 11.74 -3.06
CA LYS A 208 -10.32 11.86 -1.61
C LYS A 208 -10.92 10.56 -1.09
N PRO A 209 -10.38 10.01 0.01
CA PRO A 209 -11.02 8.80 0.54
C PRO A 209 -12.43 9.07 1.06
N PRO A 210 -13.32 8.07 1.03
CA PRO A 210 -14.76 8.22 1.28
C PRO A 210 -15.19 8.57 2.70
N PHE A 211 -14.28 8.49 3.66
CA PHE A 211 -14.61 8.80 5.06
C PHE A 211 -13.74 9.92 5.62
N GLU A 212 -13.12 10.70 4.73
CA GLU A 212 -12.26 11.79 5.18
C GLU A 212 -13.02 12.74 6.10
N ALA A 213 -12.30 13.30 7.06
CA ALA A 213 -12.85 14.29 7.97
C ALA A 213 -11.70 15.12 8.53
N ASN A 214 -12.02 16.14 9.32
CA ASN A 214 -11.01 17.04 9.89
C ASN A 214 -10.48 16.58 11.24
N THR A 215 -11.15 15.60 11.88
CA THR A 215 -10.67 15.03 13.13
C THR A 215 -10.66 13.51 13.14
N TYR A 216 -9.81 12.95 14.00
CA TYR A 216 -9.70 11.52 14.20
C TYR A 216 -11.04 10.98 14.66
N GLN A 217 -11.61 11.66 15.63
CA GLN A 217 -12.84 11.22 16.27
C GLN A 217 -14.02 11.15 15.29
N GLU A 218 -14.06 12.06 14.33
CA GLU A 218 -15.16 12.11 13.36
C GLU A 218 -15.01 11.06 12.26
N THR A 219 -13.78 10.88 11.78
CA THR A 219 -13.47 9.81 10.84
C THR A 219 -13.83 8.45 11.44
N TYR A 220 -13.56 8.30 12.74
CA TYR A 220 -13.91 7.07 13.45
C TYR A 220 -15.40 6.77 13.31
N LYS A 221 -16.25 7.77 13.55
CA LYS A 221 -17.69 7.60 13.40
C LYS A 221 -18.06 7.32 11.95
N ARG A 222 -17.49 8.08 11.02
CA ARG A 222 -17.83 7.95 9.61
C ARG A 222 -17.52 6.55 9.09
N ILE A 223 -16.41 5.98 9.56
CA ILE A 223 -16.02 4.62 9.20
C ILE A 223 -16.96 3.63 9.87
N SER A 224 -17.19 3.85 11.16
CA SER A 224 -18.05 2.99 11.96
C SER A 224 -19.46 2.89 11.38
N ARG A 225 -20.04 4.05 11.07
CA ARG A 225 -21.41 4.11 10.57
C ARG A 225 -21.48 3.97 9.04
N VAL A 226 -20.32 3.83 8.40
CA VAL A 226 -20.22 3.57 6.96
C VAL A 226 -20.95 4.66 6.18
N GLU A 227 -20.61 5.90 6.49
CA GLU A 227 -21.27 7.06 5.91
C GLU A 227 -20.44 7.66 4.79
N PHE A 228 -20.66 7.19 3.56
CA PHE A 228 -19.98 7.75 2.40
C PHE A 228 -20.99 8.12 1.32
N THR A 229 -20.64 9.10 0.50
CA THR A 229 -21.47 9.54 -0.61
C THR A 229 -20.64 9.60 -1.87
N PHE A 230 -21.33 9.68 -3.01
CA PHE A 230 -20.67 9.74 -4.31
C PHE A 230 -20.89 11.11 -4.94
N PRO A 231 -19.85 11.66 -5.59
CA PRO A 231 -20.06 12.79 -6.47
C PRO A 231 -20.93 12.36 -7.65
N ASP A 232 -21.54 13.33 -8.33
CA ASP A 232 -22.41 13.05 -9.47
C ASP A 232 -21.74 12.23 -10.58
N PHE A 233 -20.43 12.41 -10.75
CA PHE A 233 -19.70 11.85 -11.90
C PHE A 233 -19.25 10.39 -11.78
N VAL A 234 -19.50 9.75 -10.64
CA VAL A 234 -19.12 8.35 -10.48
C VAL A 234 -20.17 7.45 -11.12
N THR A 235 -19.74 6.56 -12.02
CA THR A 235 -20.65 5.71 -12.76
C THR A 235 -21.32 4.67 -11.87
N GLU A 236 -22.46 4.17 -12.32
CA GLU A 236 -23.28 3.23 -11.55
C GLU A 236 -22.57 1.87 -11.33
N GLY A 237 -21.71 1.48 -12.27
CA GLY A 237 -20.90 0.28 -12.12
C GLY A 237 -19.86 0.40 -11.02
N ALA A 238 -19.25 1.58 -10.89
CA ALA A 238 -18.26 1.85 -9.84
C ALA A 238 -18.93 2.03 -8.48
N ARG A 239 -20.07 2.71 -8.46
CA ARG A 239 -20.89 2.82 -7.24
C ARG A 239 -21.26 1.43 -6.72
N ASP A 240 -21.49 0.50 -7.63
CA ASP A 240 -21.80 -0.88 -7.28
C ASP A 240 -20.62 -1.54 -6.57
N LEU A 241 -19.44 -1.53 -7.21
CA LEU A 241 -18.26 -2.19 -6.65
C LEU A 241 -17.88 -1.62 -5.28
N ILE A 242 -17.80 -0.30 -5.22
CA ILE A 242 -17.42 0.37 -3.98
C ILE A 242 -18.44 0.04 -2.90
N SER A 243 -19.74 0.08 -3.24
CA SER A 243 -20.79 -0.22 -2.27
C SER A 243 -20.69 -1.65 -1.76
N ARG A 244 -20.32 -2.57 -2.65
CA ARG A 244 -20.11 -3.96 -2.28
C ARG A 244 -18.91 -4.12 -1.34
N LEU A 245 -17.82 -3.42 -1.66
CA LEU A 245 -16.59 -3.54 -0.89
C LEU A 245 -16.72 -2.89 0.50
N LEU A 246 -17.46 -1.79 0.59
CA LEU A 246 -17.59 -1.04 1.84
C LEU A 246 -18.82 -1.45 2.64
N LYS A 247 -18.79 -2.67 3.17
CA LYS A 247 -19.85 -3.20 4.02
C LYS A 247 -19.32 -3.29 5.46
N HIS A 248 -20.15 -2.92 6.44
CA HIS A 248 -19.73 -2.98 7.83
C HIS A 248 -19.42 -4.42 8.22
N ASN A 249 -20.32 -5.32 7.87
CA ASN A 249 -20.17 -6.73 8.20
C ASN A 249 -19.21 -7.39 7.21
N PRO A 250 -18.01 -7.80 7.68
CA PRO A 250 -16.99 -8.33 6.76
C PRO A 250 -17.50 -9.49 5.91
N SER A 251 -18.22 -10.42 6.54
CA SER A 251 -18.78 -11.59 5.84
C SER A 251 -19.43 -11.23 4.50
N GLN A 252 -20.14 -10.10 4.47
CA GLN A 252 -20.88 -9.68 3.28
C GLN A 252 -19.99 -9.22 2.13
N ARG A 253 -18.76 -8.81 2.43
CA ARG A 253 -17.85 -8.31 1.39
C ARG A 253 -17.53 -9.40 0.35
N PRO A 254 -17.15 -9.00 -0.87
CA PRO A 254 -16.86 -9.98 -1.91
C PRO A 254 -15.57 -10.76 -1.63
N MET A 255 -15.25 -11.72 -2.50
CA MET A 255 -13.93 -12.33 -2.51
C MET A 255 -13.14 -11.60 -3.57
N LEU A 256 -11.82 -11.77 -3.56
CA LEU A 256 -10.97 -11.08 -4.52
C LEU A 256 -11.24 -11.60 -5.94
N ARG A 257 -11.56 -12.89 -6.06
CA ARG A 257 -11.98 -13.45 -7.34
C ARG A 257 -13.19 -12.66 -7.86
N GLU A 258 -14.18 -12.46 -7.00
CA GLU A 258 -15.41 -11.74 -7.37
C GLU A 258 -15.14 -10.29 -7.80
N VAL A 259 -14.13 -9.65 -7.18
CA VAL A 259 -13.74 -8.28 -7.57
C VAL A 259 -13.18 -8.26 -8.99
N LEU A 260 -12.24 -9.16 -9.27
CA LEU A 260 -11.66 -9.30 -10.60
C LEU A 260 -12.73 -9.68 -11.64
N GLU A 261 -13.65 -10.55 -11.26
CA GLU A 261 -14.82 -10.92 -12.10
C GLU A 261 -15.79 -9.75 -12.37
N HIS A 262 -15.80 -8.74 -11.49
CA HIS A 262 -16.81 -7.67 -11.53
C HIS A 262 -16.90 -6.98 -12.90
N PRO A 263 -18.12 -6.83 -13.45
CA PRO A 263 -18.31 -6.28 -14.81
C PRO A 263 -17.64 -4.92 -15.04
N TRP A 264 -17.91 -3.95 -14.17
CA TRP A 264 -17.25 -2.65 -14.23
C TRP A 264 -15.71 -2.74 -14.32
N ILE A 265 -15.11 -3.64 -13.55
CA ILE A 265 -13.66 -3.85 -13.59
C ILE A 265 -13.23 -4.38 -14.94
N THR A 266 -13.83 -5.50 -15.36
CA THR A 266 -13.42 -6.16 -16.59
C THR A 266 -13.60 -5.26 -17.81
N ALA A 267 -14.63 -4.43 -17.78
CA ALA A 267 -14.92 -3.49 -18.87
C ALA A 267 -13.81 -2.45 -19.09
N ASN A 268 -13.33 -1.87 -17.99
CA ASN A 268 -12.37 -0.76 -18.04
C ASN A 268 -10.92 -1.16 -17.83
N SER A 269 -10.69 -2.27 -17.13
CA SER A 269 -9.33 -2.71 -16.80
C SER A 269 -8.58 -3.26 -18.00
N SER A 270 -7.26 -3.35 -17.85
CA SER A 270 -6.38 -4.00 -18.83
C SER A 270 -6.18 -5.47 -18.43
C01 4RJ B . 10.25 -3.95 0.06
C02 4RJ B . 9.87 -3.69 1.53
C03 4RJ B . 9.82 -2.21 1.85
C04 4RJ B . 10.82 -1.66 2.64
C05 4RJ B . 10.79 -0.29 2.93
C06 4RJ B . 9.77 0.50 2.40
C07 4RJ B . 8.76 -0.08 1.62
C08 4RJ B . 8.79 -1.43 1.34
N09 4RJ B . 9.69 1.89 2.70
C10 4RJ B . 9.83 2.87 1.84
S11 4RJ B . 10.20 2.77 0.19
C12 4RJ B . 10.24 4.31 -0.12
C13 4RJ B . 10.48 4.92 -1.28
C14 4RJ B . 10.86 4.23 -2.62
C15 4RJ B . 10.63 4.98 -3.77
C16 4RJ B . 10.94 4.47 -5.03
N17 4RJ B . 10.71 5.18 -6.26
C18 4RJ B . 10.61 6.65 -6.41
C19 4RJ B . 10.18 7.49 -5.37
C20 4RJ B . 10.08 8.87 -5.53
C21 4RJ B . 10.39 9.40 -6.78
C22 4RJ B . 10.82 8.52 -7.81
N23 4RJ B . 10.89 7.22 -7.59
C24 4RJ B . 10.29 10.91 -6.98
O25 4RJ B . 10.96 11.48 -7.90
O26 4RJ B . 9.55 11.60 -6.19
N27 4RJ B . 11.46 3.23 -5.11
C28 4RJ B . 11.69 2.48 -4.05
C29 4RJ B . 11.42 2.93 -2.78
C30 4RJ B . 9.95 5.17 1.05
O31 4RJ B . 9.92 6.41 1.02
N32 4RJ B . 9.68 4.33 2.37
C33 4RJ B . 9.37 4.78 3.67
#